data_5MOX
#
_entry.id   5MOX
#
_cell.length_a   48.751
_cell.length_b   96.635
_cell.length_c   126.363
_cell.angle_alpha   90.000
_cell.angle_beta   90.000
_cell.angle_gamma   90.000
#
_symmetry.space_group_name_H-M   'P 21 21 21'
#
loop_
_entity.id
_entity.type
_entity.pdbx_description
1 polymer 'Beta-lactamase OXA-10'
2 non-polymer (2S,5R)-1-formyl-5-[(sulfooxy)amino]piperidine-2-carboxamide
3 non-polymer 'SODIUM ION'
4 non-polymer 'CARBON DIOXIDE'
5 non-polymer GLYCEROL
6 water water
#
_entity_poly.entity_id   1
_entity_poly.type   'polypeptide(L)'
_entity_poly.pdbx_seq_one_letter_code
;MGSITENTSWNKEFSAEAVNGVFVLCKSSSKSCATNDLARASKEYLPASTFKIPNAIIGLETGVIKNEHQVFKWDGKPRA
MKQWERDLTLRGAIQVSAVPVFQQIAREVGEVRMQKYLKKFSYGNQNISGGIDKFWLEGQLRISAVNQVEFLESLYLNKL
SASKENQLIVKEALVTEAAPEYLVHSKTGFSGVGTESNPGVAWWVGWVEKETEVYFFAFNMDIDNESKLPLRKSIPTKIM
ESEGIIG
;
_entity_poly.pdbx_strand_id   A,B
#
# COMPACT_ATOMS: atom_id res chain seq x y z
N MET A 1 2.22 2.70 26.25
CA MET A 1 2.36 1.26 26.45
C MET A 1 1.97 0.81 27.86
N GLY A 2 1.30 -0.34 27.96
CA GLY A 2 0.93 -0.92 29.24
C GLY A 2 2.10 -1.59 29.93
N SER A 3 2.33 -2.87 29.62
CA SER A 3 3.45 -3.61 30.16
C SER A 3 4.33 -4.13 29.01
N ILE A 4 5.58 -4.39 29.35
CA ILE A 4 6.56 -5.01 28.48
C ILE A 4 7.00 -6.30 29.14
N THR A 5 6.88 -7.41 28.42
N THR A 5 6.83 -7.42 28.44
CA THR A 5 7.19 -8.74 28.95
CA THR A 5 7.23 -8.71 28.97
C THR A 5 8.36 -9.38 28.20
C THR A 5 8.45 -9.23 28.24
N GLU A 6 9.26 -10.00 28.94
CA GLU A 6 10.42 -10.64 28.34
C GLU A 6 10.04 -11.99 27.74
N ASN A 7 10.51 -12.22 26.52
CA ASN A 7 10.38 -13.51 25.85
C ASN A 7 11.80 -13.95 25.56
N THR A 8 12.28 -14.94 26.32
CA THR A 8 13.65 -15.42 26.16
C THR A 8 13.85 -16.32 24.95
N SER A 9 12.76 -16.81 24.35
CA SER A 9 12.92 -17.74 23.24
C SER A 9 13.46 -17.04 22.00
N TRP A 10 13.42 -15.71 21.96
CA TRP A 10 13.91 -14.97 20.81
C TRP A 10 15.41 -14.71 20.86
N ASN A 11 16.04 -14.85 22.03
CA ASN A 11 17.47 -14.62 22.16
C ASN A 11 18.28 -15.43 21.15
N LYS A 12 17.81 -16.63 20.81
CA LYS A 12 18.57 -17.53 19.95
C LYS A 12 18.84 -16.92 18.57
N GLU A 13 17.92 -16.11 18.08
CA GLU A 13 18.09 -15.48 16.77
C GLU A 13 19.16 -14.39 16.81
N PHE A 14 19.41 -13.79 17.98
CA PHE A 14 20.45 -12.79 18.15
C PHE A 14 21.80 -13.44 18.36
N SER A 15 21.88 -14.38 19.31
CA SER A 15 23.15 -15.02 19.65
C SER A 15 23.73 -15.77 18.46
N ALA A 16 22.86 -16.36 17.63
CA ALA A 16 23.35 -17.08 16.46
C ALA A 16 24.12 -16.19 15.50
N GLU A 17 23.87 -14.87 15.52
CA GLU A 17 24.53 -13.91 14.65
C GLU A 17 25.47 -12.97 15.41
N ALA A 18 25.67 -13.22 16.70
CA ALA A 18 26.49 -12.36 17.56
C ALA A 18 26.04 -10.89 17.49
N VAL A 19 24.73 -10.69 17.53
CA VAL A 19 24.15 -9.36 17.43
C VAL A 19 23.69 -8.91 18.81
N ASN A 20 24.06 -7.68 19.19
CA ASN A 20 23.49 -7.00 20.35
C ASN A 20 22.36 -6.11 19.84
N GLY A 21 21.13 -6.44 20.22
CA GLY A 21 19.99 -5.71 19.71
C GLY A 21 18.72 -6.02 20.46
N VAL A 22 17.62 -5.47 19.97
CA VAL A 22 16.33 -5.63 20.64
C VAL A 22 15.23 -5.71 19.59
N PHE A 23 14.26 -6.56 19.86
CA PHE A 23 13.01 -6.62 19.13
C PHE A 23 11.86 -6.40 20.10
N VAL A 24 10.92 -5.54 19.71
CA VAL A 24 9.71 -5.26 20.45
C VAL A 24 8.54 -5.58 19.53
N LEU A 25 7.61 -6.40 19.99
CA LEU A 25 6.48 -6.86 19.20
C LEU A 25 5.21 -6.75 20.03
N CYS A 26 4.19 -6.10 19.49
CA CYS A 26 2.96 -5.86 20.24
C CYS A 26 1.77 -6.29 19.40
N LYS A 27 1.00 -7.24 19.91
CA LYS A 27 -0.23 -7.67 19.26
C LYS A 27 -1.39 -6.77 19.67
N SER A 28 -2.12 -6.27 18.67
N SER A 28 -2.13 -6.28 18.67
CA SER A 28 -3.37 -5.53 18.86
CA SER A 28 -3.37 -5.53 18.85
C SER A 28 -3.14 -4.10 19.30
C SER A 28 -3.11 -4.09 19.26
N SER A 29 -2.26 -3.89 20.26
CA SER A 29 -2.00 -2.55 20.77
C SER A 29 -0.72 -2.58 21.57
N SER A 30 -0.23 -1.39 21.89
CA SER A 30 0.89 -1.25 22.80
C SER A 30 0.49 -1.52 24.26
N LYS A 31 -0.72 -1.99 24.55
CA LYS A 31 -1.08 -2.35 25.92
C LYS A 31 -0.16 -3.45 26.44
N SER A 32 0.17 -4.42 25.58
CA SER A 32 1.04 -5.51 25.99
C SER A 32 2.01 -5.83 24.85
N CYS A 33 3.29 -5.59 25.12
CA CYS A 33 4.36 -5.85 24.20
C CYS A 33 5.29 -6.90 24.77
N ALA A 34 5.98 -7.59 23.88
CA ALA A 34 6.99 -8.56 24.25
C ALA A 34 8.34 -8.17 23.63
N THR A 35 9.41 -8.59 24.30
CA THR A 35 10.75 -8.24 23.88
C THR A 35 11.75 -9.27 24.38
N ASN A 36 12.91 -9.33 23.71
CA ASN A 36 14.01 -10.14 24.21
C ASN A 36 14.81 -9.45 25.32
N ASP A 37 14.66 -8.14 25.50
CA ASP A 37 15.54 -7.40 26.43
C ASP A 37 14.76 -6.21 27.00
N LEU A 38 14.27 -6.34 28.24
CA LEU A 38 13.50 -5.27 28.88
C LEU A 38 14.26 -3.94 28.87
N ALA A 39 15.53 -3.95 29.26
CA ALA A 39 16.26 -2.68 29.34
C ALA A 39 16.46 -2.07 27.96
N ARG A 40 16.93 -2.86 27.00
CA ARG A 40 17.19 -2.27 25.69
C ARG A 40 15.90 -1.82 24.99
N ALA A 41 14.77 -2.44 25.27
CA ALA A 41 13.51 -2.03 24.66
C ALA A 41 13.24 -0.54 24.85
N SER A 42 13.63 0.02 25.99
CA SER A 42 13.42 1.42 26.30
C SER A 42 14.67 2.29 26.16
N LYS A 43 15.79 1.72 25.75
CA LYS A 43 16.98 2.53 25.47
C LYS A 43 16.79 3.31 24.18
N GLU A 44 17.28 4.56 24.16
CA GLU A 44 17.03 5.48 23.06
C GLU A 44 18.25 5.60 22.15
N TYR A 45 17.99 5.59 20.84
CA TYR A 45 19.02 5.61 19.80
C TYR A 45 18.65 6.64 18.74
N LEU A 46 19.66 7.13 18.01
N LEU A 46 19.65 7.07 17.99
CA LEU A 46 19.41 7.98 16.86
CA LEU A 46 19.41 7.96 16.88
C LEU A 46 18.37 7.31 15.96
C LEU A 46 18.43 7.34 15.89
N PRO A 47 17.37 8.05 15.46
CA PRO A 47 16.38 7.41 14.57
C PRO A 47 16.90 7.12 13.17
N ALA A 48 17.88 7.88 12.69
CA ALA A 48 18.34 7.78 11.32
C ALA A 48 17.13 7.84 10.37
N SER A 49 17.13 7.00 9.34
CA SER A 49 16.13 7.13 8.30
C SER A 49 14.69 6.81 8.76
N THR A 50 14.53 6.25 9.95
CA THR A 50 13.17 6.02 10.46
C THR A 50 12.48 7.35 10.73
N PHE A 51 13.29 8.42 10.84
CA PHE A 51 12.74 9.76 11.01
C PHE A 51 11.99 10.25 9.79
N LYS A 52 12.17 9.61 8.63
CA LYS A 52 11.39 10.01 7.48
C LYS A 52 9.89 9.88 7.73
N ILE A 53 9.46 9.03 8.66
CA ILE A 53 8.03 8.88 8.92
C ILE A 53 7.47 10.16 9.54
N PRO A 54 7.90 10.59 10.74
CA PRO A 54 7.39 11.88 11.23
C PRO A 54 7.70 13.06 10.31
N ASN A 55 8.87 13.08 9.68
CA ASN A 55 9.23 14.20 8.83
C ASN A 55 8.25 14.33 7.67
N ALA A 56 7.85 13.22 7.06
CA ALA A 56 6.87 13.27 5.98
C ALA A 56 5.52 13.80 6.48
N ILE A 57 5.08 13.34 7.65
CA ILE A 57 3.81 13.82 8.19
C ILE A 57 3.87 15.32 8.42
N ILE A 58 4.96 15.79 9.04
CA ILE A 58 5.11 17.21 9.34
C ILE A 58 5.18 18.03 8.06
N GLY A 59 5.89 17.51 7.06
CA GLY A 59 5.93 18.17 5.77
C GLY A 59 4.55 18.37 5.15
N LEU A 60 3.71 17.34 5.24
CA LEU A 60 2.36 17.48 4.73
C LEU A 60 1.54 18.44 5.56
N GLU A 61 1.59 18.30 6.89
CA GLU A 61 0.76 19.13 7.76
C GLU A 61 1.07 20.59 7.60
N THR A 62 2.35 20.93 7.40
CA THR A 62 2.75 22.31 7.26
C THR A 62 2.57 22.85 5.86
N GLY A 63 2.23 21.99 4.89
CA GLY A 63 2.11 22.41 3.51
C GLY A 63 3.42 22.50 2.75
N VAL A 64 4.55 22.14 3.39
CA VAL A 64 5.82 22.10 2.67
C VAL A 64 5.77 21.05 1.57
N ILE A 65 5.17 19.90 1.86
CA ILE A 65 4.80 18.92 0.86
C ILE A 65 3.35 19.18 0.49
N LYS A 66 3.10 19.46 -0.79
CA LYS A 66 1.77 19.89 -1.20
C LYS A 66 0.75 18.76 -1.11
N ASN A 67 1.09 17.59 -1.62
CA ASN A 67 0.19 16.42 -1.58
C ASN A 67 0.98 15.19 -1.99
N GLU A 68 0.29 14.04 -2.15
CA GLU A 68 1.03 12.81 -2.42
C GLU A 68 1.48 12.70 -3.87
N HIS A 69 1.06 13.62 -4.73
CA HIS A 69 1.49 13.60 -6.12
C HIS A 69 2.63 14.57 -6.36
N GLN A 70 3.09 15.27 -5.33
CA GLN A 70 4.22 16.14 -5.53
C GLN A 70 5.43 15.36 -5.99
N VAL A 71 6.15 15.94 -6.96
CA VAL A 71 7.42 15.40 -7.42
C VAL A 71 8.54 16.26 -6.85
N PHE A 72 9.46 15.62 -6.16
CA PHE A 72 10.67 16.25 -5.67
C PHE A 72 11.72 16.16 -6.78
N LYS A 73 11.99 17.28 -7.44
CA LYS A 73 12.82 17.29 -8.64
C LYS A 73 14.29 17.25 -8.26
N TRP A 74 15.06 16.46 -8.99
CA TRP A 74 16.51 16.43 -8.82
C TRP A 74 17.14 17.56 -9.65
N ASP A 75 17.98 18.37 -9.00
CA ASP A 75 18.64 19.50 -9.66
C ASP A 75 19.86 19.10 -10.48
N GLY A 76 20.15 17.82 -10.58
CA GLY A 76 21.29 17.35 -11.35
C GLY A 76 22.62 17.44 -10.66
N LYS A 77 22.65 17.89 -9.45
CA LYS A 77 23.90 18.02 -8.69
C LYS A 77 24.16 16.76 -7.88
N PRO A 78 25.42 16.44 -7.60
CA PRO A 78 25.74 15.16 -6.95
C PRO A 78 24.99 14.95 -5.64
N ARG A 79 24.48 13.74 -5.46
CA ARG A 79 23.90 13.27 -4.21
C ARG A 79 24.64 12.03 -3.73
N ALA A 80 24.55 11.78 -2.42
CA ALA A 80 25.48 10.89 -1.76
C ALA A 80 25.30 9.43 -2.14
N MET A 81 24.14 9.07 -2.67
CA MET A 81 23.89 7.75 -3.24
C MET A 81 23.27 7.93 -4.62
N LYS A 82 23.72 7.12 -5.56
CA LYS A 82 23.28 7.28 -6.94
C LYS A 82 21.76 7.05 -7.07
N GLN A 83 21.19 6.18 -6.25
CA GLN A 83 19.76 5.94 -6.31
C GLN A 83 18.94 7.16 -5.93
N TRP A 84 19.55 8.19 -5.35
CA TRP A 84 18.84 9.42 -5.03
C TRP A 84 18.87 10.43 -6.18
N GLU A 85 19.65 10.18 -7.22
CA GLU A 85 19.84 11.13 -8.32
C GLU A 85 18.77 10.92 -9.39
N ARG A 86 17.56 11.33 -9.02
CA ARG A 86 16.43 11.26 -9.92
C ARG A 86 15.26 11.96 -9.27
N ASP A 87 14.28 12.34 -10.10
CA ASP A 87 13.04 12.87 -9.59
C ASP A 87 12.33 11.78 -8.78
N LEU A 88 11.68 12.16 -7.70
CA LEU A 88 11.07 11.19 -6.78
C LEU A 88 9.71 11.68 -6.34
N THR A 89 8.75 10.75 -6.22
CA THR A 89 7.54 10.99 -5.47
C THR A 89 7.84 10.84 -3.97
N LEU A 90 6.86 11.18 -3.13
CA LEU A 90 7.01 10.93 -1.70
C LEU A 90 7.30 9.45 -1.41
N ARG A 91 6.51 8.53 -1.97
CA ARG A 91 6.79 7.12 -1.78
C ARG A 91 8.17 6.76 -2.32
N GLY A 92 8.51 7.25 -3.51
CA GLY A 92 9.83 6.97 -4.06
C GLY A 92 10.95 7.43 -3.14
N ALA A 93 10.82 8.65 -2.61
CA ALA A 93 11.85 9.20 -1.73
C ALA A 93 11.97 8.40 -0.44
N ILE A 94 10.84 7.90 0.08
CA ILE A 94 10.88 7.05 1.28
C ILE A 94 11.50 5.69 0.94
N GLN A 95 11.10 5.10 -0.19
CA GLN A 95 11.58 3.75 -0.53
C GLN A 95 13.07 3.74 -0.85
N VAL A 96 13.58 4.74 -1.56
CA VAL A 96 15.02 4.82 -1.78
C VAL A 96 15.71 5.52 -0.63
N SER A 97 14.95 6.09 0.30
CA SER A 97 15.49 6.71 1.50
C SER A 97 16.41 7.89 1.16
N ALA A 98 15.88 8.82 0.35
CA ALA A 98 16.62 9.97 -0.17
C ALA A 98 16.76 11.07 0.87
N VAL A 99 17.80 10.97 1.68
CA VAL A 99 18.14 11.95 2.70
C VAL A 99 18.01 13.39 2.21
N PRO A 100 18.60 13.79 1.08
CA PRO A 100 18.55 15.22 0.74
C PRO A 100 17.15 15.77 0.50
N VAL A 101 16.21 14.94 0.01
CA VAL A 101 14.83 15.38 -0.10
C VAL A 101 14.29 15.76 1.27
N PHE A 102 14.55 14.90 2.26
CA PHE A 102 14.04 15.12 3.60
C PHE A 102 14.81 16.19 4.35
N GLN A 103 16.08 16.40 4.01
CA GLN A 103 16.79 17.56 4.57
C GLN A 103 16.16 18.87 4.13
N GLN A 104 15.80 18.99 2.86
CA GLN A 104 15.16 20.22 2.40
C GLN A 104 13.77 20.39 3.01
N ILE A 105 13.00 19.30 3.16
CA ILE A 105 11.73 19.38 3.87
C ILE A 105 11.96 19.96 5.25
N ALA A 106 12.91 19.40 5.98
CA ALA A 106 13.18 19.86 7.35
C ALA A 106 13.57 21.33 7.38
N ARG A 107 14.42 21.77 6.45
CA ARG A 107 14.81 23.18 6.42
C ARG A 107 13.58 24.07 6.25
N GLU A 108 12.65 23.67 5.38
CA GLU A 108 11.49 24.51 5.11
C GLU A 108 10.49 24.47 6.28
N VAL A 109 10.37 23.31 6.94
CA VAL A 109 9.56 23.23 8.14
C VAL A 109 10.09 24.20 9.19
N GLY A 110 11.41 24.20 9.40
CA GLY A 110 12.05 25.06 10.36
C GLY A 110 12.06 24.51 11.77
N GLU A 111 12.94 25.07 12.60
CA GLU A 111 13.13 24.53 13.95
C GLU A 111 11.88 24.66 14.80
N VAL A 112 11.23 25.82 14.77
CA VAL A 112 10.08 26.07 15.63
C VAL A 112 8.97 25.04 15.34
N ARG A 113 8.58 24.91 14.06
CA ARG A 113 7.52 23.95 13.75
C ARG A 113 7.95 22.52 14.02
N MET A 114 9.21 22.18 13.71
CA MET A 114 9.68 20.82 13.92
C MET A 114 9.60 20.45 15.40
N GLN A 115 10.03 21.36 16.28
CA GLN A 115 9.97 21.11 17.71
C GLN A 115 8.53 20.91 18.16
N LYS A 116 7.62 21.77 17.67
CA LYS A 116 6.21 21.69 18.04
C LYS A 116 5.64 20.32 17.70
N TYR A 117 5.89 19.84 16.47
CA TYR A 117 5.29 18.58 16.07
C TYR A 117 5.91 17.39 16.78
N LEU A 118 7.22 17.41 17.05
CA LEU A 118 7.78 16.26 17.77
C LEU A 118 7.24 16.19 19.18
N LYS A 119 6.93 17.34 19.79
N LYS A 119 6.93 17.34 19.78
CA LYS A 119 6.24 17.33 21.07
CA LYS A 119 6.24 17.35 21.07
C LYS A 119 4.84 16.75 20.94
C LYS A 119 4.84 16.74 20.93
N LYS A 120 4.08 17.20 19.93
CA LYS A 120 2.74 16.65 19.72
C LYS A 120 2.77 15.14 19.53
N PHE A 121 3.76 14.64 18.82
CA PHE A 121 3.90 13.22 18.51
C PHE A 121 4.58 12.43 19.63
N SER A 122 5.00 13.07 20.72
N SER A 122 4.99 13.08 20.71
CA SER A 122 5.79 12.41 21.77
CA SER A 122 5.80 12.43 21.77
C SER A 122 6.91 11.58 21.17
C SER A 122 6.91 11.58 21.16
N TYR A 123 7.70 12.20 20.29
CA TYR A 123 8.68 11.48 19.48
C TYR A 123 10.04 11.47 20.19
N GLY A 124 10.33 10.38 20.88
CA GLY A 124 11.62 10.22 21.49
C GLY A 124 11.89 11.29 22.53
N ASN A 125 13.16 11.67 22.64
CA ASN A 125 13.55 12.74 23.56
C ASN A 125 13.23 14.13 23.02
N GLN A 126 12.71 14.23 21.81
CA GLN A 126 12.24 15.49 21.24
C GLN A 126 13.34 16.54 21.15
N ASN A 127 14.60 16.10 21.10
CA ASN A 127 15.75 16.99 21.07
C ASN A 127 16.20 17.14 19.62
N ILE A 128 15.95 18.32 19.04
CA ILE A 128 16.26 18.57 17.64
C ILE A 128 17.54 19.36 17.48
N SER A 129 18.33 19.49 18.54
CA SER A 129 19.57 20.24 18.40
C SER A 129 20.56 19.47 17.53
N GLY A 130 21.46 20.22 16.92
CA GLY A 130 22.48 19.66 16.05
C GLY A 130 22.42 20.13 14.63
N GLY A 131 21.47 21.01 14.27
CA GLY A 131 21.29 21.47 12.89
C GLY A 131 19.98 20.96 12.32
N ILE A 132 19.18 21.87 11.74
CA ILE A 132 17.82 21.55 11.30
C ILE A 132 17.82 20.47 10.23
N ASP A 133 18.91 20.32 9.49
CA ASP A 133 18.98 19.36 8.40
C ASP A 133 19.75 18.10 8.76
N LYS A 134 20.11 17.91 10.04
CA LYS A 134 20.87 16.71 10.38
C LYS A 134 20.68 16.21 11.81
N PHE A 135 19.73 16.74 12.58
CA PHE A 135 19.60 16.35 13.98
C PHE A 135 19.27 14.87 14.16
N TRP A 136 18.59 14.26 13.20
CA TRP A 136 18.21 12.85 13.26
C TRP A 136 19.27 11.95 12.65
N LEU A 137 20.30 12.53 12.02
CA LEU A 137 21.40 11.80 11.39
C LEU A 137 22.64 11.75 12.28
N GLU A 138 22.93 12.84 12.98
CA GLU A 138 24.14 12.94 13.78
C GLU A 138 23.96 13.85 14.99
N GLY A 139 22.75 14.31 15.25
CA GLY A 139 22.49 15.20 16.35
C GLY A 139 22.11 14.46 17.63
N GLN A 140 21.26 15.11 18.42
CA GLN A 140 20.94 14.68 19.78
C GLN A 140 19.61 13.97 19.89
N LEU A 141 18.86 13.84 18.79
CA LEU A 141 17.57 13.16 18.86
C LEU A 141 17.78 11.67 19.11
N ARG A 142 16.95 11.11 19.99
CA ARG A 142 17.02 9.70 20.33
C ARG A 142 15.60 9.18 20.54
N ILE A 143 15.36 7.92 20.16
CA ILE A 143 14.07 7.28 20.37
C ILE A 143 14.29 5.80 20.62
N SER A 144 13.45 5.22 21.46
CA SER A 144 13.53 3.79 21.74
C SER A 144 12.61 2.95 20.88
N ALA A 145 12.84 1.64 20.90
CA ALA A 145 11.94 0.72 20.21
C ALA A 145 10.52 0.82 20.74
N VAL A 146 10.36 0.91 22.05
CA VAL A 146 9.02 1.05 22.63
C VAL A 146 8.35 2.30 22.10
N ASN A 147 9.07 3.41 22.07
CA ASN A 147 8.47 4.67 21.60
C ASN A 147 8.11 4.58 20.12
N GLN A 148 8.95 3.90 19.32
CA GLN A 148 8.62 3.69 17.91
C GLN A 148 7.28 2.98 17.77
N VAL A 149 7.08 1.91 18.52
N VAL A 149 7.05 1.92 18.56
CA VAL A 149 5.81 1.19 18.42
CA VAL A 149 5.79 1.19 18.38
C VAL A 149 4.64 2.11 18.77
C VAL A 149 4.60 2.00 18.86
N GLU A 150 4.77 2.85 19.87
CA GLU A 150 3.68 3.73 20.29
C GLU A 150 3.36 4.73 19.20
N PHE A 151 4.38 5.30 18.58
CA PHE A 151 4.21 6.26 17.51
C PHE A 151 3.54 5.63 16.30
N LEU A 152 3.98 4.43 15.92
CA LEU A 152 3.41 3.73 14.76
C LEU A 152 1.97 3.30 15.02
N GLU A 153 1.66 2.90 16.26
CA GLU A 153 0.28 2.58 16.60
C GLU A 153 -0.62 3.79 16.42
N SER A 154 -0.17 4.96 16.86
CA SER A 154 -0.96 6.18 16.65
C SER A 154 -1.18 6.44 15.17
N LEU A 155 -0.13 6.27 14.37
CA LEU A 155 -0.26 6.47 12.93
C LEU A 155 -1.26 5.49 12.33
N TYR A 156 -1.13 4.22 12.67
CA TYR A 156 -2.07 3.20 12.21
C TYR A 156 -3.52 3.59 12.50
N LEU A 157 -3.78 4.11 13.70
CA LEU A 157 -5.13 4.45 14.17
C LEU A 157 -5.58 5.85 13.74
N ASN A 158 -4.75 6.59 13.01
CA ASN A 158 -5.04 7.97 12.61
C ASN A 158 -5.19 8.90 13.80
N LYS A 159 -4.49 8.58 14.88
CA LYS A 159 -4.59 9.32 16.12
C LYS A 159 -3.44 10.30 16.35
N LEU A 160 -2.48 10.39 15.43
CA LEU A 160 -1.50 11.47 15.57
C LEU A 160 -2.20 12.81 15.34
N SER A 161 -1.56 13.87 15.85
CA SER A 161 -2.07 15.23 15.69
C SER A 161 -1.76 15.75 14.28
N ALA A 162 -2.53 15.21 13.33
CA ALA A 162 -2.42 15.49 11.91
C ALA A 162 -3.73 15.05 11.27
N SER A 163 -3.99 15.55 10.07
CA SER A 163 -5.22 15.15 9.39
C SER A 163 -5.18 13.65 9.09
N LYS A 164 -6.36 13.05 9.04
CA LYS A 164 -6.45 11.65 8.60
C LYS A 164 -5.91 11.48 7.19
N GLU A 165 -6.24 12.38 6.27
CA GLU A 165 -5.73 12.19 4.91
C GLU A 165 -4.19 12.20 4.87
N ASN A 166 -3.55 13.07 5.66
CA ASN A 166 -2.10 13.09 5.64
C ASN A 166 -1.51 11.82 6.25
N GLN A 167 -2.13 11.29 7.28
CA GLN A 167 -1.66 10.02 7.84
C GLN A 167 -1.86 8.90 6.83
N LEU A 168 -3.00 8.88 6.12
CA LEU A 168 -3.21 7.89 5.06
C LEU A 168 -2.18 8.02 3.95
N ILE A 169 -1.82 9.24 3.58
CA ILE A 169 -0.84 9.44 2.52
C ILE A 169 0.50 8.83 2.90
N VAL A 170 0.95 9.10 4.13
CA VAL A 170 2.24 8.55 4.56
C VAL A 170 2.17 7.04 4.71
N LYS A 171 1.04 6.52 5.19
CA LYS A 171 0.90 5.07 5.30
C LYS A 171 1.03 4.41 3.94
N GLU A 172 0.40 4.97 2.90
CA GLU A 172 0.56 4.39 1.58
C GLU A 172 2.03 4.35 1.16
N ALA A 173 2.77 5.40 1.51
CA ALA A 173 4.18 5.49 1.14
C ALA A 173 5.05 4.47 1.89
N LEU A 174 4.53 3.86 2.96
CA LEU A 174 5.27 2.93 3.80
C LEU A 174 4.98 1.46 3.51
N VAL A 175 4.07 1.15 2.59
CA VAL A 175 3.84 -0.25 2.27
C VAL A 175 5.10 -0.84 1.67
N THR A 176 5.53 -1.98 2.21
CA THR A 176 6.72 -2.67 1.72
C THR A 176 6.49 -4.12 1.33
N GLU A 177 5.40 -4.74 1.76
CA GLU A 177 5.09 -6.09 1.33
C GLU A 177 3.58 -6.27 1.34
N ALA A 178 3.06 -6.75 0.21
CA ALA A 178 1.63 -6.99 0.06
C ALA A 178 1.40 -8.43 -0.34
N ALA A 179 0.54 -9.10 0.41
CA ALA A 179 0.09 -10.44 0.11
C ALA A 179 -1.41 -10.48 0.34
N PRO A 180 -2.11 -11.45 -0.26
CA PRO A 180 -3.56 -11.49 -0.03
C PRO A 180 -3.93 -11.61 1.44
N GLU A 181 -3.07 -12.25 2.23
CA GLU A 181 -3.37 -12.54 3.63
C GLU A 181 -2.67 -11.61 4.62
N TYR A 182 -1.64 -10.86 4.21
CA TYR A 182 -1.06 -9.90 5.14
C TYR A 182 -0.44 -8.74 4.37
N LEU A 183 -0.29 -7.64 5.10
CA LEU A 183 0.24 -6.40 4.54
C LEU A 183 1.26 -5.83 5.54
N VAL A 184 2.45 -5.47 5.06
CA VAL A 184 3.50 -4.91 5.90
C VAL A 184 3.73 -3.46 5.51
N HIS A 185 3.70 -2.58 6.50
CA HIS A 185 4.18 -1.21 6.39
C HIS A 185 5.47 -1.12 7.21
N SER A 186 6.52 -0.51 6.67
CA SER A 186 7.77 -0.50 7.44
C SER A 186 8.75 0.53 6.92
N LYS A 187 9.79 0.76 7.72
CA LYS A 187 10.89 1.65 7.33
C LYS A 187 12.19 1.18 8.00
N THR A 188 13.27 1.20 7.23
CA THR A 188 14.60 0.83 7.71
C THR A 188 15.37 2.10 8.11
N GLY A 189 16.42 1.90 8.90
CA GLY A 189 17.41 2.95 9.07
C GLY A 189 18.78 2.40 9.42
N PHE A 190 19.80 3.24 9.21
CA PHE A 190 21.20 2.87 9.46
C PHE A 190 21.98 4.15 9.74
N SER A 191 22.37 4.37 11.00
CA SER A 191 23.08 5.62 11.33
C SER A 191 24.50 5.65 10.80
N GLY A 192 25.10 4.50 10.55
CA GLY A 192 26.47 4.40 10.12
C GLY A 192 27.17 3.36 10.94
N VAL A 193 28.50 3.28 10.76
CA VAL A 193 29.30 2.26 11.43
C VAL A 193 29.84 2.74 12.74
N GLY A 194 29.59 3.98 13.10
CA GLY A 194 29.96 4.48 14.39
C GLY A 194 31.43 4.81 14.41
N THR A 195 31.99 4.81 15.61
CA THR A 195 33.42 5.07 15.79
C THR A 195 33.95 4.05 16.79
N GLU A 196 35.26 4.04 16.97
CA GLU A 196 35.88 3.08 17.88
C GLU A 196 35.14 3.06 19.22
N SER A 197 34.72 1.85 19.62
CA SER A 197 34.04 1.57 20.88
C SER A 197 32.65 2.21 20.98
N ASN A 198 32.12 2.70 19.86
CA ASN A 198 30.85 3.42 19.85
C ASN A 198 30.12 3.07 18.58
N PRO A 199 29.43 1.94 18.55
CA PRO A 199 28.84 1.47 17.30
C PRO A 199 27.67 2.33 16.84
N GLY A 200 27.39 2.23 15.55
CA GLY A 200 26.17 2.80 15.00
C GLY A 200 24.97 1.95 15.36
N VAL A 201 23.82 2.34 14.84
CA VAL A 201 22.56 1.63 15.06
C VAL A 201 21.87 1.37 13.71
N ALA A 202 21.26 0.20 13.59
CA ALA A 202 20.42 -0.14 12.46
C ALA A 202 19.02 -0.45 12.97
N TRP A 203 18.03 -0.06 12.19
CA TRP A 203 16.63 -0.19 12.58
C TRP A 203 15.80 -0.87 11.49
N TRP A 204 14.73 -1.53 11.93
CA TRP A 204 13.59 -1.86 11.09
C TRP A 204 12.35 -1.75 11.95
N VAL A 205 11.40 -0.87 11.57
CA VAL A 205 10.20 -0.63 12.36
C VAL A 205 8.98 -0.65 11.44
N GLY A 206 7.83 -1.00 11.99
CA GLY A 206 6.63 -1.03 11.17
C GLY A 206 5.49 -1.79 11.85
N TRP A 207 4.57 -2.26 11.01
CA TRP A 207 3.49 -3.08 11.52
C TRP A 207 3.02 -4.04 10.44
N VAL A 208 2.39 -5.12 10.89
CA VAL A 208 1.85 -6.17 10.03
C VAL A 208 0.36 -6.32 10.31
N GLU A 209 -0.43 -6.37 9.25
CA GLU A 209 -1.85 -6.70 9.32
C GLU A 209 -2.07 -8.09 8.75
N LYS A 210 -2.70 -8.96 9.55
CA LYS A 210 -3.00 -10.33 9.18
C LYS A 210 -4.37 -10.65 9.74
N GLU A 211 -5.23 -11.27 8.93
CA GLU A 211 -6.61 -11.54 9.34
C GLU A 211 -7.18 -10.21 9.82
N THR A 212 -7.82 -10.15 10.99
CA THR A 212 -8.31 -8.89 11.54
C THR A 212 -7.41 -8.37 12.64
N GLU A 213 -6.16 -8.82 12.69
CA GLU A 213 -5.24 -8.44 13.73
C GLU A 213 -4.18 -7.49 13.19
N VAL A 214 -3.51 -6.79 14.12
CA VAL A 214 -2.40 -5.92 13.76
C VAL A 214 -1.27 -6.17 14.76
N TYR A 215 -0.03 -6.18 14.27
CA TYR A 215 1.15 -6.38 15.09
C TYR A 215 2.11 -5.22 14.84
N PHE A 216 2.45 -4.49 15.88
CA PHE A 216 3.41 -3.41 15.79
C PHE A 216 4.80 -3.92 16.17
N PHE A 217 5.83 -3.49 15.43
CA PHE A 217 7.18 -4.00 15.72
C PHE A 217 8.25 -2.91 15.60
N ALA A 218 9.32 -3.10 16.36
CA ALA A 218 10.50 -2.25 16.22
C ALA A 218 11.73 -3.08 16.58
N PHE A 219 12.72 -3.04 15.70
CA PHE A 219 13.99 -3.74 15.87
C PHE A 219 15.12 -2.73 15.79
N ASN A 220 16.08 -2.85 16.70
CA ASN A 220 17.35 -2.15 16.50
C ASN A 220 18.50 -3.04 16.92
N MET A 221 19.67 -2.71 16.40
CA MET A 221 20.88 -3.45 16.72
C MET A 221 22.08 -2.53 16.62
N ASP A 222 23.11 -2.84 17.40
CA ASP A 222 24.39 -2.17 17.24
C ASP A 222 25.06 -2.70 15.99
N ILE A 223 25.74 -1.82 15.27
CA ILE A 223 26.41 -2.21 14.02
C ILE A 223 27.68 -1.40 13.83
N ASP A 224 28.77 -2.08 13.52
CA ASP A 224 30.01 -1.42 13.15
C ASP A 224 30.59 -1.92 11.82
N ASN A 225 29.82 -2.70 11.07
N ASN A 225 29.87 -2.77 11.10
CA ASN A 225 30.26 -3.29 9.82
CA ASN A 225 30.29 -3.20 9.78
C ASN A 225 29.04 -3.39 8.91
C ASN A 225 29.05 -3.36 8.92
N GLU A 226 29.07 -2.69 7.78
CA GLU A 226 27.89 -2.64 6.91
C GLU A 226 27.51 -4.03 6.36
N SER A 227 28.43 -4.98 6.37
N SER A 227 28.43 -4.99 6.39
CA SER A 227 28.07 -6.34 5.91
CA SER A 227 28.13 -6.34 5.96
C SER A 227 26.99 -6.95 6.78
C SER A 227 27.06 -6.99 6.81
N LYS A 228 26.83 -6.49 8.01
CA LYS A 228 25.84 -7.03 8.93
C LYS A 228 24.47 -6.40 8.73
N LEU A 229 24.35 -5.43 7.84
CA LEU A 229 23.12 -4.65 7.75
C LEU A 229 21.86 -5.48 7.48
N PRO A 230 21.88 -6.53 6.65
CA PRO A 230 20.65 -7.27 6.37
C PRO A 230 20.06 -7.97 7.58
N LEU A 231 20.83 -8.15 8.64
CA LEU A 231 20.32 -8.74 9.87
C LEU A 231 19.21 -7.91 10.49
N ARG A 232 19.15 -6.60 10.20
CA ARG A 232 18.10 -5.75 10.74
C ARG A 232 16.74 -6.17 10.24
N LYS A 233 16.66 -6.85 9.10
CA LYS A 233 15.40 -7.42 8.64
C LYS A 233 15.31 -8.92 8.88
N SER A 234 16.43 -9.64 8.79
CA SER A 234 16.32 -11.10 8.83
C SER A 234 16.02 -11.59 10.24
N ILE A 235 16.63 -10.98 11.27
CA ILE A 235 16.33 -11.40 12.64
C ILE A 235 14.87 -11.19 12.98
N PRO A 236 14.29 -10.01 12.83
CA PRO A 236 12.87 -9.83 13.17
C PRO A 236 11.94 -10.59 12.25
N THR A 237 12.32 -10.75 10.98
CA THR A 237 11.51 -11.55 10.09
C THR A 237 11.43 -12.99 10.57
N LYS A 238 12.57 -13.55 11.01
CA LYS A 238 12.57 -14.92 11.53
C LYS A 238 11.72 -15.04 12.79
N ILE A 239 11.80 -14.05 13.68
CA ILE A 239 10.95 -14.03 14.87
C ILE A 239 9.48 -14.00 14.48
N MET A 240 9.10 -13.10 13.55
CA MET A 240 7.68 -12.98 13.19
C MET A 240 7.21 -14.19 12.38
N GLU A 241 8.08 -14.83 11.61
CA GLU A 241 7.70 -16.08 10.97
C GLU A 241 7.47 -17.18 12.02
N SER A 242 8.33 -17.23 13.03
CA SER A 242 8.18 -18.21 14.09
C SER A 242 6.91 -17.99 14.90
N GLU A 243 6.50 -16.73 15.05
CA GLU A 243 5.26 -16.41 15.75
C GLU A 243 4.03 -16.64 14.90
N GLY A 244 4.20 -16.91 13.61
CA GLY A 244 3.07 -17.15 12.74
C GLY A 244 2.46 -15.91 12.13
N ILE A 245 3.16 -14.79 12.20
CA ILE A 245 2.62 -13.51 11.75
C ILE A 245 2.85 -13.29 10.26
N ILE A 246 4.06 -13.59 9.77
CA ILE A 246 4.35 -13.50 8.35
C ILE A 246 4.90 -14.83 7.85
N GLY A 247 5.07 -14.95 6.55
CA GLY A 247 5.62 -16.15 5.94
N MET B 1 -8.72 9.97 -21.27
N MET B 1 -8.85 9.65 -21.59
CA MET B 1 -7.36 9.77 -21.76
CA MET B 1 -7.42 9.74 -21.79
C MET B 1 -7.18 10.59 -23.02
C MET B 1 -7.18 10.57 -23.05
N GLY B 2 -5.93 10.77 -23.42
CA GLY B 2 -5.62 11.70 -24.50
C GLY B 2 -5.59 11.09 -25.89
N SER B 3 -5.12 9.86 -25.99
CA SER B 3 -5.03 9.18 -27.29
C SER B 3 -5.01 7.69 -27.04
N ILE B 4 -5.31 6.95 -28.11
CA ILE B 4 -5.18 5.50 -28.12
C ILE B 4 -4.65 5.04 -29.48
N THR B 5 -3.83 4.00 -29.45
N THR B 5 -3.74 4.07 -29.45
CA THR B 5 -3.17 3.47 -30.64
CA THR B 5 -3.19 3.47 -30.66
C THR B 5 -3.18 1.96 -30.55
C THR B 5 -3.29 1.96 -30.53
N GLU B 6 -3.42 1.29 -31.67
CA GLU B 6 -3.40 -0.15 -31.69
C GLU B 6 -1.98 -0.64 -31.88
N ASN B 7 -1.59 -1.64 -31.08
CA ASN B 7 -0.29 -2.31 -31.17
C ASN B 7 -0.58 -3.80 -31.31
N THR B 8 -0.63 -4.28 -32.55
CA THR B 8 -0.98 -5.67 -32.77
C THR B 8 0.13 -6.63 -32.37
N SER B 9 1.33 -6.14 -32.09
CA SER B 9 2.40 -7.05 -31.70
C SER B 9 2.16 -7.66 -30.33
N TRP B 10 1.30 -7.05 -29.50
CA TRP B 10 0.93 -7.69 -28.25
C TRP B 10 0.09 -8.94 -28.48
N ASN B 11 -0.46 -9.12 -29.68
CA ASN B 11 -1.32 -10.28 -29.90
C ASN B 11 -0.57 -11.59 -29.72
N LYS B 12 0.77 -11.57 -29.80
CA LYS B 12 1.55 -12.80 -29.66
C LYS B 12 1.31 -13.46 -28.31
N GLU B 13 1.15 -12.68 -27.24
CA GLU B 13 0.92 -13.28 -25.93
C GLU B 13 -0.48 -13.86 -25.82
N PHE B 14 -1.44 -13.36 -26.60
CA PHE B 14 -2.78 -13.94 -26.62
C PHE B 14 -2.79 -15.22 -27.46
N SER B 15 -2.18 -15.17 -28.65
CA SER B 15 -2.24 -16.34 -29.52
C SER B 15 -1.48 -17.53 -28.93
N ALA B 16 -0.42 -17.28 -28.18
CA ALA B 16 0.32 -18.40 -27.59
C ALA B 16 -0.55 -19.22 -26.64
N GLU B 17 -1.59 -18.60 -26.05
CA GLU B 17 -2.48 -19.26 -25.11
C GLU B 17 -3.87 -19.48 -25.71
N ALA B 18 -4.06 -19.17 -26.98
CA ALA B 18 -5.35 -19.28 -27.65
C ALA B 18 -6.44 -18.51 -26.90
N VAL B 19 -6.13 -17.27 -26.54
CA VAL B 19 -7.05 -16.41 -25.80
C VAL B 19 -7.60 -15.33 -26.73
N ASN B 20 -8.91 -15.10 -26.65
CA ASN B 20 -9.56 -13.93 -27.25
C ASN B 20 -9.75 -12.89 -26.15
N GLY B 21 -9.03 -11.78 -26.25
CA GLY B 21 -9.11 -10.79 -25.18
C GLY B 21 -8.47 -9.48 -25.60
N VAL B 22 -8.44 -8.56 -24.64
CA VAL B 22 -7.90 -7.22 -24.88
C VAL B 22 -7.08 -6.77 -23.68
N PHE B 23 -6.00 -6.05 -23.97
CA PHE B 23 -5.22 -5.32 -22.97
C PHE B 23 -5.17 -3.85 -23.37
N VAL B 24 -5.43 -2.96 -22.42
CA VAL B 24 -5.29 -1.52 -22.59
C VAL B 24 -4.30 -1.03 -21.54
N LEU B 25 -3.30 -0.27 -21.97
CA LEU B 25 -2.22 0.22 -21.10
C LEU B 25 -2.02 1.70 -21.40
N CYS B 26 -2.15 2.56 -20.37
CA CYS B 26 -2.07 4.00 -20.56
C CYS B 26 -0.98 4.59 -19.67
N LYS B 27 -0.14 5.42 -20.27
CA LYS B 27 0.93 6.12 -19.56
C LYS B 27 0.45 7.50 -19.18
N SER B 28 0.56 7.83 -17.90
CA SER B 28 -0.04 9.05 -17.38
C SER B 28 0.62 10.29 -17.94
N SER B 29 1.95 10.32 -17.96
CA SER B 29 2.66 11.55 -18.30
C SER B 29 2.38 12.01 -19.73
N SER B 30 2.20 11.06 -20.65
CA SER B 30 1.92 11.36 -22.05
C SER B 30 0.44 11.27 -22.37
N LYS B 31 -0.38 10.89 -21.41
CA LYS B 31 -1.82 10.78 -21.62
C LYS B 31 -2.12 9.94 -22.87
N SER B 32 -1.41 8.82 -22.99
N SER B 32 -1.39 8.83 -23.01
CA SER B 32 -1.40 8.00 -24.19
CA SER B 32 -1.47 8.03 -24.22
C SER B 32 -1.65 6.55 -23.84
C SER B 32 -1.63 6.54 -23.88
N CYS B 33 -2.53 5.90 -24.60
CA CYS B 33 -2.88 4.50 -24.39
C CYS B 33 -2.51 3.68 -25.62
N ALA B 34 -2.22 2.39 -25.36
CA ALA B 34 -2.07 1.40 -26.41
C ALA B 34 -2.89 0.15 -26.08
N THR B 35 -3.28 -0.57 -27.13
CA THR B 35 -4.10 -1.75 -26.98
C THR B 35 -3.82 -2.68 -28.14
N ASN B 36 -3.98 -3.99 -27.89
CA ASN B 36 -3.86 -4.96 -28.97
C ASN B 36 -5.09 -4.98 -29.88
N ASP B 37 -6.24 -4.47 -29.42
CA ASP B 37 -7.48 -4.61 -30.19
C ASP B 37 -8.38 -3.42 -29.88
N LEU B 38 -8.37 -2.42 -30.77
CA LEU B 38 -9.17 -1.21 -30.55
C LEU B 38 -10.65 -1.54 -30.44
N ALA B 39 -11.15 -2.45 -31.28
CA ALA B 39 -12.57 -2.74 -31.21
C ALA B 39 -12.93 -3.35 -29.86
N ARG B 40 -12.18 -4.35 -29.42
CA ARG B 40 -12.57 -4.99 -28.16
C ARG B 40 -12.33 -4.06 -26.97
N ALA B 41 -11.37 -3.16 -27.06
CA ALA B 41 -11.12 -2.22 -25.97
C ALA B 41 -12.36 -1.40 -25.65
N SER B 42 -13.23 -1.17 -26.65
CA SER B 42 -14.48 -0.43 -26.47
C SER B 42 -15.70 -1.31 -26.21
N LYS B 43 -15.58 -2.63 -26.30
CA LYS B 43 -16.70 -3.50 -25.99
C LYS B 43 -16.95 -3.55 -24.49
N GLU B 44 -18.21 -3.68 -24.09
CA GLU B 44 -18.60 -3.54 -22.69
C GLU B 44 -19.04 -4.90 -22.14
N TYR B 45 -18.52 -5.25 -20.96
CA TYR B 45 -18.71 -6.56 -20.35
C TYR B 45 -19.12 -6.39 -18.90
N LEU B 46 -19.75 -7.44 -18.37
CA LEU B 46 -20.07 -7.46 -16.96
C LEU B 46 -18.81 -7.15 -16.14
N PRO B 47 -18.89 -6.25 -15.14
CA PRO B 47 -17.69 -5.99 -14.32
C PRO B 47 -17.31 -7.14 -13.40
N ALA B 48 -18.28 -7.97 -12.99
CA ALA B 48 -18.06 -9.00 -11.99
C ALA B 48 -17.33 -8.37 -10.79
N SER B 49 -16.31 -9.03 -10.25
CA SER B 49 -15.73 -8.60 -9.02
C SER B 49 -14.92 -7.29 -9.11
N THR B 50 -14.64 -6.80 -10.31
CA THR B 50 -14.01 -5.51 -10.42
C THR B 50 -14.94 -4.42 -9.90
N PHE B 51 -16.24 -4.73 -9.83
CA PHE B 51 -17.19 -3.79 -9.25
C PHE B 51 -16.93 -3.53 -7.77
N LYS B 52 -16.14 -4.38 -7.12
CA LYS B 52 -15.84 -4.13 -5.72
C LYS B 52 -15.14 -2.79 -5.51
N ILE B 53 -14.47 -2.28 -6.52
CA ILE B 53 -13.80 -0.98 -6.42
C ILE B 53 -14.83 0.14 -6.24
N PRO B 54 -15.73 0.39 -7.20
CA PRO B 54 -16.73 1.43 -6.94
C PRO B 54 -17.64 1.12 -5.76
N ASN B 55 -18.02 -0.15 -5.58
CA ASN B 55 -18.90 -0.49 -4.46
C ASN B 55 -18.25 -0.13 -3.12
N ALA B 56 -16.94 -0.38 -2.98
CA ALA B 56 -16.27 -0.03 -1.73
C ALA B 56 -16.27 1.46 -1.51
N ILE B 57 -15.99 2.25 -2.55
CA ILE B 57 -16.01 3.71 -2.43
C ILE B 57 -17.40 4.19 -2.01
N ILE B 58 -18.42 3.69 -2.71
CA ILE B 58 -19.80 4.09 -2.43
C ILE B 58 -20.19 3.68 -1.02
N GLY B 59 -19.82 2.46 -0.60
CA GLY B 59 -20.07 2.04 0.78
C GLY B 59 -19.48 3.00 1.80
N LEU B 60 -18.24 3.46 1.58
CA LEU B 60 -17.65 4.43 2.49
C LEU B 60 -18.35 5.78 2.40
N GLU B 61 -18.62 6.26 1.18
CA GLU B 61 -19.21 7.59 1.01
C GLU B 61 -20.57 7.68 1.69
N THR B 62 -21.35 6.61 1.60
CA THR B 62 -22.69 6.63 2.17
C THR B 62 -22.70 6.32 3.65
N GLY B 63 -21.56 5.93 4.23
CA GLY B 63 -21.50 5.57 5.63
C GLY B 63 -21.89 4.14 5.93
N VAL B 64 -22.21 3.34 4.91
CA VAL B 64 -22.51 1.93 5.12
C VAL B 64 -21.30 1.22 5.66
N ILE B 65 -20.11 1.57 5.13
CA ILE B 65 -18.84 1.15 5.69
C ILE B 65 -18.34 2.29 6.56
N LYS B 66 -18.09 2.01 7.84
CA LYS B 66 -17.74 3.05 8.80
C LYS B 66 -16.38 3.69 8.46
N ASN B 67 -15.35 2.88 8.30
CA ASN B 67 -14.01 3.38 7.97
C ASN B 67 -13.15 2.17 7.62
N GLU B 68 -11.82 2.39 7.46
CA GLU B 68 -10.93 1.31 7.02
C GLU B 68 -10.71 0.26 8.08
N HIS B 69 -11.12 0.51 9.33
CA HIS B 69 -10.94 -0.47 10.39
C HIS B 69 -12.20 -1.28 10.67
N GLN B 70 -13.27 -1.06 9.92
CA GLN B 70 -14.48 -1.85 10.09
C GLN B 70 -14.18 -3.32 9.84
N VAL B 71 -14.75 -4.18 10.68
CA VAL B 71 -14.67 -5.62 10.50
C VAL B 71 -16.04 -6.09 10.04
N PHE B 72 -16.06 -6.85 8.94
CA PHE B 72 -17.27 -7.49 8.47
C PHE B 72 -17.32 -8.88 9.11
N LYS B 73 -18.18 -9.04 10.10
CA LYS B 73 -18.19 -10.26 10.89
C LYS B 73 -18.87 -11.39 10.12
N TRP B 74 -18.32 -12.60 10.27
CA TRP B 74 -18.95 -13.77 9.70
C TRP B 74 -20.02 -14.28 10.66
N ASP B 75 -21.22 -14.54 10.14
CA ASP B 75 -22.32 -15.02 10.95
C ASP B 75 -22.28 -16.53 11.15
N GLY B 76 -21.23 -17.21 10.69
CA GLY B 76 -21.11 -18.64 10.86
C GLY B 76 -21.91 -19.48 9.90
N LYS B 77 -22.70 -18.87 9.01
CA LYS B 77 -23.46 -19.66 8.05
C LYS B 77 -22.57 -19.98 6.84
N PRO B 78 -22.75 -21.14 6.22
CA PRO B 78 -21.82 -21.54 5.15
C PRO B 78 -21.81 -20.54 4.01
N ARG B 79 -20.61 -20.28 3.49
CA ARG B 79 -20.42 -19.46 2.30
C ARG B 79 -19.85 -20.31 1.17
N ALA B 80 -19.81 -19.72 -0.02
CA ALA B 80 -19.46 -20.52 -1.19
C ALA B 80 -17.99 -20.86 -1.26
N MET B 81 -17.14 -20.15 -0.52
CA MET B 81 -15.71 -20.42 -0.48
C MET B 81 -15.26 -20.43 0.98
N LYS B 82 -14.50 -21.45 1.37
CA LYS B 82 -14.00 -21.53 2.73
C LYS B 82 -13.22 -20.26 3.10
N GLN B 83 -12.50 -19.68 2.13
CA GLN B 83 -11.72 -18.46 2.37
C GLN B 83 -12.58 -17.29 2.83
N TRP B 84 -13.90 -17.32 2.60
CA TRP B 84 -14.77 -16.25 3.06
C TRP B 84 -15.37 -16.51 4.44
N GLU B 85 -15.16 -17.70 5.01
CA GLU B 85 -15.82 -18.07 6.27
C GLU B 85 -14.98 -17.60 7.47
N ARG B 86 -14.96 -16.29 7.64
CA ARG B 86 -14.20 -15.66 8.72
C ARG B 86 -14.50 -14.17 8.70
N ASP B 87 -14.17 -13.52 9.81
CA ASP B 87 -14.26 -12.06 9.88
C ASP B 87 -13.23 -11.48 8.91
N LEU B 88 -13.58 -10.35 8.28
CA LEU B 88 -12.74 -9.75 7.25
C LEU B 88 -12.69 -8.24 7.44
N THR B 89 -11.51 -7.66 7.22
CA THR B 89 -11.40 -6.23 7.04
C THR B 89 -11.81 -5.85 5.61
N LEU B 90 -11.88 -4.55 5.34
CA LEU B 90 -12.19 -4.11 3.99
C LEU B 90 -11.16 -4.64 3.01
N ARG B 91 -9.88 -4.49 3.33
CA ARG B 91 -8.85 -5.00 2.44
C ARG B 91 -8.95 -6.51 2.32
N GLY B 92 -9.17 -7.20 3.44
CA GLY B 92 -9.32 -8.64 3.39
C GLY B 92 -10.45 -9.07 2.50
N ALA B 93 -11.60 -8.38 2.61
CA ALA B 93 -12.76 -8.74 1.81
C ALA B 93 -12.52 -8.49 0.33
N ILE B 94 -11.81 -7.42 -0.01
CA ILE B 94 -11.45 -7.19 -1.40
C ILE B 94 -10.44 -8.22 -1.88
N GLN B 95 -9.43 -8.53 -1.05
CA GLN B 95 -8.35 -9.40 -1.49
C GLN B 95 -8.83 -10.83 -1.72
N VAL B 96 -9.69 -11.36 -0.83
CA VAL B 96 -10.28 -12.67 -1.06
C VAL B 96 -11.55 -12.60 -1.89
N SER B 97 -11.99 -11.40 -2.26
CA SER B 97 -13.14 -11.18 -3.13
C SER B 97 -14.41 -11.83 -2.56
N ALA B 98 -14.74 -11.46 -1.31
CA ALA B 98 -15.84 -12.04 -0.55
C ALA B 98 -17.19 -11.53 -1.05
N VAL B 99 -17.79 -12.34 -1.91
CA VAL B 99 -19.09 -12.02 -2.52
C VAL B 99 -20.13 -11.55 -1.51
N PRO B 100 -20.46 -12.31 -0.46
CA PRO B 100 -21.59 -11.92 0.39
C PRO B 100 -21.36 -10.61 1.11
N VAL B 101 -20.10 -10.24 1.38
CA VAL B 101 -19.84 -8.97 2.05
C VAL B 101 -20.28 -7.82 1.16
N PHE B 102 -19.94 -7.89 -0.11
CA PHE B 102 -20.28 -6.83 -1.04
C PHE B 102 -21.72 -6.86 -1.53
N GLN B 103 -22.37 -8.02 -1.52
CA GLN B 103 -23.80 -8.01 -1.77
C GLN B 103 -24.53 -7.25 -0.67
N GLN B 104 -24.12 -7.46 0.58
CA GLN B 104 -24.76 -6.78 1.68
C GLN B 104 -24.49 -5.28 1.67
N ILE B 105 -23.25 -4.88 1.33
CA ILE B 105 -22.96 -3.46 1.16
C ILE B 105 -23.91 -2.86 0.13
N ALA B 106 -24.06 -3.54 -1.01
CA ALA B 106 -24.93 -3.02 -2.07
C ALA B 106 -26.37 -2.88 -1.61
N ARG B 107 -26.90 -3.87 -0.90
CA ARG B 107 -28.26 -3.77 -0.39
C ARG B 107 -28.43 -2.57 0.52
N GLU B 108 -27.43 -2.29 1.36
CA GLU B 108 -27.55 -1.17 2.29
C GLU B 108 -27.41 0.16 1.59
N VAL B 109 -26.57 0.23 0.56
CA VAL B 109 -26.49 1.43 -0.27
C VAL B 109 -27.85 1.71 -0.90
N GLY B 110 -28.41 0.69 -1.56
CA GLY B 110 -29.72 0.79 -2.16
C GLY B 110 -29.67 1.41 -3.56
N GLU B 111 -30.76 1.22 -4.31
CA GLU B 111 -30.73 1.52 -5.73
C GLU B 111 -30.57 3.02 -6.01
N VAL B 112 -31.27 3.88 -5.27
CA VAL B 112 -31.21 5.31 -5.58
C VAL B 112 -29.78 5.84 -5.40
N ARG B 113 -29.16 5.57 -4.26
CA ARG B 113 -27.78 6.01 -4.05
C ARG B 113 -26.82 5.31 -5.01
N MET B 114 -26.98 4.01 -5.25
CA MET B 114 -26.09 3.32 -6.19
C MET B 114 -26.15 3.96 -7.57
N GLN B 115 -27.37 4.23 -8.08
CA GLN B 115 -27.52 4.87 -9.37
C GLN B 115 -26.83 6.24 -9.42
N LYS B 116 -27.01 7.04 -8.36
CA LYS B 116 -26.42 8.36 -8.30
C LYS B 116 -24.90 8.30 -8.44
N TYR B 117 -24.27 7.38 -7.71
CA TYR B 117 -22.81 7.35 -7.72
C TYR B 117 -22.27 6.79 -9.04
N LEU B 118 -22.95 5.83 -9.64
CA LEU B 118 -22.45 5.32 -10.91
C LEU B 118 -22.55 6.38 -11.98
N LYS B 119 -23.53 7.28 -11.88
CA LYS B 119 -23.59 8.43 -12.77
C LYS B 119 -22.43 9.40 -12.50
N LYS B 120 -22.19 9.71 -11.22
CA LYS B 120 -21.07 10.59 -10.88
C LYS B 120 -19.73 10.00 -11.34
N PHE B 121 -19.57 8.68 -11.23
CA PHE B 121 -18.32 8.02 -11.60
C PHE B 121 -18.23 7.72 -13.10
N SER B 122 -19.26 8.01 -13.88
CA SER B 122 -19.32 7.62 -15.29
C SER B 122 -18.95 6.16 -15.47
N TYR B 123 -19.59 5.30 -14.69
CA TYR B 123 -19.20 3.90 -14.60
C TYR B 123 -19.98 3.03 -15.59
N GLY B 124 -19.37 2.73 -16.73
CA GLY B 124 -19.96 1.82 -17.67
C GLY B 124 -21.24 2.38 -18.26
N ASN B 125 -22.18 1.48 -18.55
CA ASN B 125 -23.48 1.89 -19.06
C ASN B 125 -24.42 2.38 -17.95
N GLN B 126 -23.93 2.38 -16.71
CA GLN B 126 -24.66 2.92 -15.55
C GLN B 126 -25.99 2.21 -15.35
N ASN B 127 -26.13 0.99 -15.84
CA ASN B 127 -27.40 0.26 -15.78
C ASN B 127 -27.34 -0.75 -14.64
N ILE B 128 -28.09 -0.47 -13.57
CA ILE B 128 -28.08 -1.33 -12.39
C ILE B 128 -29.29 -2.25 -12.33
N SER B 129 -29.98 -2.45 -13.45
N SER B 129 -29.97 -2.44 -13.47
CA SER B 129 -31.13 -3.34 -13.45
CA SER B 129 -31.07 -3.38 -13.52
C SER B 129 -30.68 -4.79 -13.39
C SER B 129 -30.58 -4.79 -13.26
N GLY B 130 -31.47 -5.60 -12.69
CA GLY B 130 -31.21 -7.02 -12.48
C GLY B 130 -31.15 -7.43 -11.04
N GLY B 131 -31.37 -6.51 -10.09
CA GLY B 131 -31.35 -6.83 -8.67
C GLY B 131 -30.20 -6.10 -8.00
N ILE B 132 -30.48 -5.43 -6.86
CA ILE B 132 -29.50 -4.56 -6.22
C ILE B 132 -28.23 -5.30 -5.80
N ASP B 133 -28.34 -6.59 -5.51
CA ASP B 133 -27.18 -7.35 -5.07
C ASP B 133 -26.58 -8.24 -6.15
N LYS B 134 -26.95 -8.05 -7.40
CA LYS B 134 -26.34 -8.86 -8.44
C LYS B 134 -26.23 -8.18 -9.80
N PHE B 135 -26.50 -6.87 -9.92
CA PHE B 135 -26.54 -6.26 -11.24
C PHE B 135 -25.18 -6.30 -11.93
N TRP B 136 -24.08 -6.30 -11.18
CA TRP B 136 -22.74 -6.28 -11.75
C TRP B 136 -22.24 -7.67 -12.15
N LEU B 137 -22.96 -8.72 -11.76
CA LEU B 137 -22.55 -10.09 -12.04
C LEU B 137 -23.49 -10.81 -12.99
N GLU B 138 -24.79 -10.64 -12.83
CA GLU B 138 -25.75 -11.29 -13.72
C GLU B 138 -26.81 -10.34 -14.27
N GLY B 139 -26.74 -9.05 -13.97
CA GLY B 139 -27.69 -8.07 -14.45
C GLY B 139 -27.21 -7.34 -15.70
N GLN B 140 -27.62 -6.08 -15.82
CA GLN B 140 -27.43 -5.33 -17.06
C GLN B 140 -26.22 -4.40 -17.08
N LEU B 141 -25.44 -4.32 -16.00
CA LEU B 141 -24.30 -3.42 -16.00
C LEU B 141 -23.18 -3.95 -16.91
N ARG B 142 -22.59 -3.05 -17.69
CA ARG B 142 -21.50 -3.35 -18.60
C ARG B 142 -20.49 -2.22 -18.59
N ILE B 143 -19.22 -2.57 -18.71
CA ILE B 143 -18.16 -1.56 -18.77
C ILE B 143 -17.06 -2.03 -19.71
N SER B 144 -16.44 -1.09 -20.43
CA SER B 144 -15.34 -1.42 -21.33
C SER B 144 -13.98 -1.29 -20.63
N ALA B 145 -12.96 -1.85 -21.29
CA ALA B 145 -11.58 -1.70 -20.79
C ALA B 145 -11.16 -0.23 -20.80
N VAL B 146 -11.53 0.52 -21.83
CA VAL B 146 -11.22 1.95 -21.84
C VAL B 146 -11.85 2.66 -20.65
N ASN B 147 -13.13 2.39 -20.39
CA ASN B 147 -13.83 3.02 -19.26
C ASN B 147 -13.21 2.63 -17.92
N GLN B 148 -12.75 1.38 -17.79
CA GLN B 148 -12.06 0.99 -16.56
C GLN B 148 -10.83 1.86 -16.33
N VAL B 149 -9.99 2.04 -17.35
CA VAL B 149 -8.77 2.83 -17.13
C VAL B 149 -9.13 4.29 -16.81
N GLU B 150 -10.18 4.84 -17.45
CA GLU B 150 -10.61 6.20 -17.15
C GLU B 150 -11.03 6.32 -15.69
N PHE B 151 -11.81 5.35 -15.21
CA PHE B 151 -12.25 5.32 -13.82
C PHE B 151 -11.07 5.20 -12.88
N LEU B 152 -10.14 4.28 -13.19
CA LEU B 152 -9.00 4.08 -12.29
C LEU B 152 -8.09 5.30 -12.24
N GLU B 153 -7.89 5.99 -13.37
CA GLU B 153 -7.11 7.23 -13.34
C GLU B 153 -7.74 8.24 -12.42
N SER B 154 -9.06 8.39 -12.49
CA SER B 154 -9.75 9.31 -11.57
C SER B 154 -9.52 8.91 -10.12
N LEU B 155 -9.59 7.62 -9.81
CA LEU B 155 -9.32 7.16 -8.45
C LEU B 155 -7.89 7.50 -8.03
N TYR B 156 -6.92 7.18 -8.89
CA TYR B 156 -5.52 7.48 -8.61
C TYR B 156 -5.33 8.94 -8.27
N LEU B 157 -5.99 9.83 -9.01
CA LEU B 157 -5.85 11.28 -8.84
C LEU B 157 -6.70 11.84 -7.71
N ASN B 158 -7.48 10.99 -7.02
CA ASN B 158 -8.44 11.42 -6.01
C ASN B 158 -9.48 12.37 -6.60
N LYS B 159 -9.81 12.17 -7.88
CA LYS B 159 -10.74 13.03 -8.60
C LYS B 159 -12.14 12.45 -8.75
N LEU B 160 -12.41 11.26 -8.19
CA LEU B 160 -13.80 10.80 -8.17
C LEU B 160 -14.60 11.67 -7.19
N SER B 161 -15.93 11.66 -7.37
N SER B 161 -15.93 11.66 -7.38
CA SER B 161 -16.84 12.45 -6.54
CA SER B 161 -16.86 12.41 -6.54
C SER B 161 -17.04 11.73 -5.19
C SER B 161 -17.04 11.69 -5.20
N ALA B 162 -15.98 11.75 -4.41
CA ALA B 162 -15.95 11.16 -3.09
C ALA B 162 -14.84 11.86 -2.32
N SER B 163 -14.82 11.67 -1.02
CA SER B 163 -13.77 12.32 -0.23
C SER B 163 -12.41 11.74 -0.60
N LYS B 164 -11.37 12.55 -0.42
CA LYS B 164 -10.02 12.03 -0.61
C LYS B 164 -9.74 10.89 0.36
N GLU B 165 -10.14 11.05 1.63
CA GLU B 165 -9.97 9.98 2.61
C GLU B 165 -10.49 8.65 2.08
N ASN B 166 -11.72 8.64 1.58
CA ASN B 166 -12.33 7.39 1.17
C ASN B 166 -11.64 6.81 -0.07
N GLN B 167 -11.17 7.67 -0.98
CA GLN B 167 -10.40 7.16 -2.11
C GLN B 167 -9.07 6.56 -1.66
N LEU B 168 -8.39 7.22 -0.71
CA LEU B 168 -7.15 6.69 -0.17
C LEU B 168 -7.37 5.36 0.54
N ILE B 169 -8.49 5.23 1.27
CA ILE B 169 -8.79 3.98 1.98
C ILE B 169 -8.93 2.83 0.99
N VAL B 170 -9.70 3.04 -0.09
CA VAL B 170 -9.89 1.99 -1.08
C VAL B 170 -8.58 1.69 -1.82
N LYS B 171 -7.78 2.73 -2.10
CA LYS B 171 -6.50 2.46 -2.74
C LYS B 171 -5.61 1.54 -1.90
N GLU B 172 -5.53 1.76 -0.59
CA GLU B 172 -4.68 0.87 0.20
C GLU B 172 -5.22 -0.57 0.17
N ALA B 173 -6.54 -0.72 0.13
CA ALA B 173 -7.16 -2.04 0.04
C ALA B 173 -6.85 -2.74 -1.28
N LEU B 174 -6.46 -1.99 -2.31
CA LEU B 174 -6.17 -2.54 -3.63
C LEU B 174 -4.70 -2.85 -3.89
N VAL B 175 -3.78 -2.52 -2.97
CA VAL B 175 -2.39 -2.84 -3.22
C VAL B 175 -2.23 -4.35 -3.29
N THR B 176 -1.59 -4.84 -4.36
CA THR B 176 -1.34 -6.25 -4.52
C THR B 176 0.12 -6.63 -4.69
N GLU B 177 1.00 -5.68 -5.03
CA GLU B 177 2.42 -6.01 -5.08
C GLU B 177 3.24 -4.77 -4.76
N ALA B 178 4.16 -4.90 -3.81
CA ALA B 178 5.07 -3.81 -3.45
C ALA B 178 6.47 -4.33 -3.71
N ALA B 179 7.11 -3.81 -4.74
CA ALA B 179 8.40 -4.33 -5.16
C ALA B 179 9.41 -3.23 -4.97
N PRO B 180 10.73 -3.55 -5.03
CA PRO B 180 11.73 -2.50 -5.20
C PRO B 180 11.55 -1.89 -6.57
N GLU B 181 11.15 -0.63 -6.61
CA GLU B 181 11.01 0.13 -7.87
C GLU B 181 9.57 0.37 -8.31
N TYR B 182 8.62 -0.50 -7.93
CA TYR B 182 7.26 -0.35 -8.45
C TYR B 182 6.24 -0.86 -7.45
N LEU B 183 5.02 -0.33 -7.58
CA LEU B 183 3.91 -0.64 -6.70
C LEU B 183 2.69 -0.88 -7.58
N VAL B 184 2.00 -2.01 -7.36
CA VAL B 184 0.84 -2.41 -8.15
C VAL B 184 -0.40 -2.37 -7.27
N HIS B 185 -1.43 -1.69 -7.76
CA HIS B 185 -2.80 -1.79 -7.26
C HIS B 185 -3.63 -2.54 -8.30
N SER B 186 -4.49 -3.46 -7.88
CA SER B 186 -5.22 -4.22 -8.89
C SER B 186 -6.41 -4.98 -8.29
N LYS B 187 -7.31 -5.41 -9.20
CA LYS B 187 -8.43 -6.25 -8.84
C LYS B 187 -8.79 -7.17 -10.00
N THR B 188 -9.03 -8.44 -9.68
CA THR B 188 -9.47 -9.44 -10.64
C THR B 188 -10.99 -9.54 -10.66
N GLY B 189 -11.50 -10.19 -11.71
CA GLY B 189 -12.90 -10.55 -11.79
C GLY B 189 -13.13 -11.72 -12.71
N PHE B 190 -14.29 -12.37 -12.53
CA PHE B 190 -14.66 -13.57 -13.28
C PHE B 190 -16.18 -13.71 -13.23
N SER B 191 -16.85 -13.57 -14.38
CA SER B 191 -18.32 -13.66 -14.38
C SER B 191 -18.82 -15.09 -14.37
N GLY B 192 -17.97 -16.07 -14.65
CA GLY B 192 -18.40 -17.45 -14.83
C GLY B 192 -18.02 -17.96 -16.21
N VAL B 193 -18.39 -19.22 -16.46
CA VAL B 193 -17.95 -19.86 -17.70
C VAL B 193 -18.92 -19.63 -18.85
N GLY B 194 -20.06 -19.00 -18.60
CA GLY B 194 -20.95 -18.64 -19.67
C GLY B 194 -21.75 -19.84 -20.16
N THR B 195 -22.41 -19.62 -21.30
CA THR B 195 -23.29 -20.59 -21.91
C THR B 195 -22.76 -20.96 -23.30
N GLU B 196 -23.43 -21.90 -23.95
CA GLU B 196 -23.01 -22.36 -25.27
C GLU B 196 -22.82 -21.19 -26.22
N SER B 197 -21.60 -21.04 -26.72
CA SER B 197 -21.25 -19.99 -27.68
C SER B 197 -21.37 -18.59 -27.07
N ASN B 198 -21.51 -18.48 -25.74
CA ASN B 198 -21.56 -17.19 -25.06
C ASN B 198 -20.67 -17.28 -23.84
N PRO B 199 -19.37 -17.10 -24.02
CA PRO B 199 -18.44 -17.27 -22.90
C PRO B 199 -18.60 -16.20 -21.85
N GLY B 200 -18.14 -16.52 -20.64
CA GLY B 200 -18.02 -15.52 -19.61
C GLY B 200 -16.83 -14.60 -19.88
N VAL B 201 -16.57 -13.73 -18.91
CA VAL B 201 -15.49 -12.76 -19.01
C VAL B 201 -14.62 -12.86 -17.76
N ALA B 202 -13.33 -12.71 -17.96
CA ALA B 202 -12.40 -12.57 -16.85
C ALA B 202 -11.64 -11.27 -17.02
N TRP B 203 -11.36 -10.61 -15.90
CA TRP B 203 -10.73 -9.29 -15.87
C TRP B 203 -9.53 -9.26 -14.93
N TRP B 204 -8.60 -8.36 -15.24
CA TRP B 204 -7.60 -7.87 -14.29
C TRP B 204 -7.40 -6.40 -14.63
N VAL B 205 -7.66 -5.51 -13.67
CA VAL B 205 -7.55 -4.08 -13.87
C VAL B 205 -6.72 -3.49 -12.74
N GLY B 206 -6.04 -2.39 -13.03
CA GLY B 206 -5.31 -1.72 -11.97
C GLY B 206 -4.38 -0.66 -12.50
N TRP B 207 -3.31 -0.39 -11.72
CA TRP B 207 -2.33 0.58 -12.16
C TRP B 207 -0.99 0.27 -11.51
N VAL B 208 0.09 0.70 -12.18
CA VAL B 208 1.44 0.46 -11.70
C VAL B 208 2.11 1.83 -11.55
N GLU B 209 2.70 2.06 -10.39
CA GLU B 209 3.50 3.25 -10.15
C GLU B 209 4.96 2.84 -10.24
N LYS B 210 5.73 3.50 -11.10
CA LYS B 210 7.14 3.18 -11.29
C LYS B 210 7.90 4.48 -11.52
N GLU B 211 8.93 4.74 -10.70
CA GLU B 211 9.64 6.03 -10.74
C GLU B 211 8.55 7.08 -10.52
N THR B 212 8.45 8.13 -11.33
CA THR B 212 7.37 9.09 -11.23
C THR B 212 6.28 8.84 -12.26
N GLU B 213 6.36 7.73 -12.97
CA GLU B 213 5.35 7.40 -13.97
C GLU B 213 4.24 6.56 -13.36
N VAL B 214 3.08 6.62 -13.99
CA VAL B 214 1.95 5.78 -13.60
C VAL B 214 1.35 5.18 -14.87
N TYR B 215 1.06 3.88 -14.81
CA TYR B 215 0.50 3.13 -15.92
C TYR B 215 -0.82 2.52 -15.49
N PHE B 216 -1.90 2.92 -16.15
CA PHE B 216 -3.23 2.37 -15.88
C PHE B 216 -3.48 1.23 -16.84
N PHE B 217 -4.07 0.15 -16.35
CA PHE B 217 -4.26 -1.02 -17.20
C PHE B 217 -5.62 -1.68 -16.99
N ALA B 218 -6.11 -2.31 -18.07
CA ALA B 218 -7.31 -3.13 -17.99
C ALA B 218 -7.20 -4.25 -19.00
N PHE B 219 -7.42 -5.47 -18.52
CA PHE B 219 -7.42 -6.69 -19.32
C PHE B 219 -8.75 -7.38 -19.16
N ASN B 220 -9.32 -7.84 -20.29
CA ASN B 220 -10.38 -8.82 -20.22
C ASN B 220 -10.22 -9.87 -21.30
N MET B 221 -10.89 -11.01 -21.10
CA MET B 221 -10.84 -12.13 -22.02
C MET B 221 -12.13 -12.91 -21.94
N ASP B 222 -12.47 -13.56 -23.04
CA ASP B 222 -13.49 -14.59 -23.04
C ASP B 222 -12.98 -15.79 -22.27
N ILE B 223 -13.86 -16.41 -21.50
CA ILE B 223 -13.46 -17.59 -20.74
C ILE B 223 -14.65 -18.55 -20.65
N ASP B 224 -14.39 -19.83 -20.93
CA ASP B 224 -15.39 -20.87 -20.83
C ASP B 224 -14.92 -22.05 -19.98
N ASN B 225 -13.78 -21.94 -19.32
CA ASN B 225 -13.19 -23.02 -18.55
C ASN B 225 -12.39 -22.37 -17.44
N GLU B 226 -12.69 -22.73 -16.21
CA GLU B 226 -12.05 -22.11 -15.06
C GLU B 226 -10.54 -22.38 -15.03
N SER B 227 -10.06 -23.41 -15.72
CA SER B 227 -8.63 -23.67 -15.73
C SER B 227 -7.85 -22.55 -16.40
N LYS B 228 -8.51 -21.73 -17.20
CA LYS B 228 -7.85 -20.63 -17.89
C LYS B 228 -7.72 -19.37 -17.06
N LEU B 229 -8.32 -19.33 -15.88
CA LEU B 229 -8.35 -18.10 -15.10
C LEU B 229 -6.98 -17.45 -14.90
N PRO B 230 -5.90 -18.17 -14.61
CA PRO B 230 -4.62 -17.48 -14.35
C PRO B 230 -4.12 -16.66 -15.53
N LEU B 231 -4.63 -16.91 -16.73
CA LEU B 231 -4.19 -16.16 -17.89
C LEU B 231 -4.56 -14.69 -17.78
N ARG B 232 -5.60 -14.37 -17.02
CA ARG B 232 -6.02 -13.00 -16.86
C ARG B 232 -4.95 -12.15 -16.18
N LYS B 233 -4.02 -12.78 -15.44
CA LYS B 233 -2.86 -12.05 -14.93
C LYS B 233 -1.58 -12.32 -15.70
N SER B 234 -1.41 -13.53 -16.23
CA SER B 234 -0.12 -13.85 -16.84
C SER B 234 0.06 -13.13 -18.18
N ILE B 235 -1.00 -13.01 -18.97
CA ILE B 235 -0.87 -12.32 -20.26
C ILE B 235 -0.52 -10.85 -20.03
N PRO B 236 -1.29 -10.11 -19.24
CA PRO B 236 -0.90 -8.71 -19.01
C PRO B 236 0.42 -8.57 -18.29
N THR B 237 0.76 -9.48 -17.37
CA THR B 237 2.06 -9.37 -16.72
C THR B 237 3.19 -9.50 -17.72
N LYS B 238 3.07 -10.48 -18.64
CA LYS B 238 4.10 -10.66 -19.66
C LYS B 238 4.20 -9.44 -20.56
N ILE B 239 3.07 -8.82 -20.91
CA ILE B 239 3.12 -7.59 -21.71
C ILE B 239 3.87 -6.50 -20.95
N MET B 240 3.48 -6.28 -19.68
CA MET B 240 4.10 -5.19 -18.92
C MET B 240 5.57 -5.48 -18.62
N GLU B 241 5.95 -6.76 -18.56
CA GLU B 241 7.36 -7.12 -18.46
C GLU B 241 8.11 -6.79 -19.74
N SER B 242 7.52 -7.12 -20.90
N SER B 242 7.51 -7.10 -20.90
CA SER B 242 8.17 -6.81 -22.17
CA SER B 242 8.18 -6.81 -22.16
C SER B 242 8.35 -5.30 -22.32
C SER B 242 8.28 -5.31 -22.43
N GLU B 243 7.38 -4.52 -21.85
CA GLU B 243 7.45 -3.06 -21.93
C GLU B 243 8.41 -2.46 -20.90
N GLY B 244 9.01 -3.28 -20.04
CA GLY B 244 9.96 -2.79 -19.07
C GLY B 244 9.37 -2.20 -17.82
N ILE B 245 8.07 -2.40 -17.58
CA ILE B 245 7.38 -1.74 -16.48
C ILE B 245 7.51 -2.52 -15.17
N ILE B 246 7.21 -3.81 -15.20
CA ILE B 246 7.36 -4.67 -14.03
C ILE B 246 8.37 -5.76 -14.34
N GLY B 247 8.84 -6.43 -13.29
CA GLY B 247 9.86 -7.45 -13.42
C GLY B 247 11.26 -6.88 -13.39
#